data_6DCS
#
_entry.id   6DCS
#
_cell.length_a   119.365
_cell.length_b   119.365
_cell.length_c   40.861
_cell.angle_alpha   90.000
_cell.angle_beta   90.000
_cell.angle_gamma   90.000
#
_symmetry.space_group_name_H-M   'P 41 21 2'
#
loop_
_entity.id
_entity.type
_entity.pdbx_description
1 polymer 'Stage III sporulation protein AF'
2 non-polymer 'SULFATE ION'
#
_entity_poly.entity_id   1
_entity_poly.type   'polypeptide(L)'
_entity_poly.pdbx_seq_one_letter_code
;GSHMIEIQASQRAYILEEMAVQLKKKAEERFSHDEYKVGRIKLTAGEKVDSEEDIKTISVYMAPSSEKTVQTVAPVHIDT
DHAYVTKEAAEQKEAKQIQTQLADIWEIGSEKITVHMEGGESVGNE
;
_entity_poly.pdbx_strand_id   A,B
#
# COMPACT_ATOMS: atom_id res chain seq x y z
N SER A 2 -9.34 11.14 11.91
CA SER A 2 -10.40 10.15 11.83
C SER A 2 -9.98 8.92 11.00
N HIS A 3 -9.45 9.19 9.80
CA HIS A 3 -9.16 8.18 8.80
C HIS A 3 -7.66 8.24 8.49
N MET A 4 -6.88 7.36 9.11
CA MET A 4 -5.43 7.36 9.00
C MET A 4 -4.92 6.09 8.33
N ILE A 5 -3.89 6.22 7.48
CA ILE A 5 -3.34 5.12 6.69
C ILE A 5 -1.85 4.95 7.04
N GLU A 6 -1.30 3.78 6.66
CA GLU A 6 0.13 3.50 6.79
C GLU A 6 0.65 2.84 5.51
N ILE A 7 1.88 3.19 5.13
CA ILE A 7 2.54 2.57 3.99
C ILE A 7 4.01 2.28 4.32
N GLN A 8 4.57 1.28 3.63
CA GLN A 8 6.00 1.00 3.63
C GLN A 8 6.63 1.49 2.32
N ALA A 9 7.70 2.25 2.43
CA ALA A 9 8.39 2.74 1.24
C ALA A 9 8.68 1.61 0.28
N SER A 10 8.34 1.82 -0.99
CA SER A 10 8.54 0.79 -2.00
C SER A 10 8.33 1.36 -3.40
N GLN A 11 9.45 1.51 -4.11
CA GLN A 11 9.40 1.72 -5.56
C GLN A 11 8.37 0.81 -6.19
N ARG A 12 8.55 -0.49 -5.99
CA ARG A 12 7.66 -1.44 -6.62
C ARG A 12 6.21 -1.12 -6.29
N ALA A 13 5.93 -0.76 -5.03
CA ALA A 13 4.55 -0.44 -4.69
C ALA A 13 4.10 0.85 -5.35
N TYR A 14 4.98 1.86 -5.40
CA TYR A 14 4.63 3.12 -6.07
C TYR A 14 4.11 2.88 -7.47
N ILE A 15 4.90 2.15 -8.27
CA ILE A 15 4.51 1.85 -9.63
C ILE A 15 3.16 1.20 -9.65
N LEU A 16 2.98 0.19 -8.78
CA LEU A 16 1.72 -0.52 -8.67
C LEU A 16 0.57 0.40 -8.27
N GLU A 17 0.82 1.43 -7.47
CA GLU A 17 -0.26 2.37 -7.18
C GLU A 17 -0.53 3.33 -8.32
N GLU A 18 0.46 3.54 -9.19
CA GLU A 18 0.26 4.40 -10.36
C GLU A 18 -0.61 3.67 -11.37
N MET A 19 -0.25 2.43 -11.69
CA MET A 19 -1.09 1.58 -12.52
C MET A 19 -2.49 1.48 -11.93
N ALA A 20 -2.63 1.60 -10.62
CA ALA A 20 -3.92 1.36 -10.00
C ALA A 20 -4.83 2.57 -10.11
N VAL A 21 -4.32 3.80 -9.93
CA VAL A 21 -5.22 4.96 -10.08
C VAL A 21 -5.61 5.15 -11.55
N GLN A 22 -4.69 4.89 -12.48
CA GLN A 22 -5.02 5.02 -13.89
C GLN A 22 -6.07 3.98 -14.28
N LEU A 23 -5.94 2.78 -13.74
CA LEU A 23 -6.99 1.79 -13.91
C LEU A 23 -8.29 2.21 -13.25
N LYS A 24 -8.22 2.84 -12.07
CA LYS A 24 -9.44 3.26 -11.44
C LYS A 24 -10.14 4.30 -12.31
N LYS A 25 -9.42 5.35 -12.71
CA LYS A 25 -10.01 6.39 -13.55
C LYS A 25 -10.71 5.77 -14.75
N LYS A 26 -9.99 4.98 -15.53
CA LYS A 26 -10.54 4.40 -16.75
C LYS A 26 -11.81 3.60 -16.46
N ALA A 27 -11.87 2.91 -15.33
CA ALA A 27 -13.13 2.26 -15.00
C ALA A 27 -14.21 3.31 -14.75
N GLU A 28 -13.91 4.29 -13.88
CA GLU A 28 -14.90 5.29 -13.53
C GLU A 28 -15.54 5.93 -14.76
N GLU A 29 -14.84 5.95 -15.89
CA GLU A 29 -15.43 6.50 -17.11
C GLU A 29 -16.68 5.72 -17.53
N ARG A 30 -16.61 4.38 -17.56
CA ARG A 30 -17.79 3.60 -17.96
C ARG A 30 -18.83 3.41 -16.85
N PHE A 31 -18.42 3.49 -15.59
CA PHE A 31 -19.37 3.44 -14.47
C PHE A 31 -19.27 4.73 -13.66
N SER A 32 -19.57 5.86 -14.28
CA SER A 32 -19.78 7.10 -13.56
C SER A 32 -21.26 7.27 -13.22
N HIS A 33 -22.09 7.25 -14.27
CA HIS A 33 -23.50 7.63 -14.21
C HIS A 33 -24.34 6.36 -14.42
N ASP A 34 -24.12 5.40 -13.52
CA ASP A 34 -24.55 4.02 -13.75
C ASP A 34 -25.14 3.46 -12.46
N GLU A 35 -25.74 2.27 -12.55
CA GLU A 35 -26.20 1.57 -11.35
C GLU A 35 -25.06 1.40 -10.37
N TYR A 36 -23.91 1.03 -10.87
CA TYR A 36 -22.84 0.56 -10.01
C TYR A 36 -21.69 1.55 -10.05
N LYS A 37 -21.07 1.69 -8.91
CA LYS A 37 -19.94 2.57 -8.69
C LYS A 37 -18.77 1.69 -8.31
N VAL A 38 -17.66 1.83 -9.03
CA VAL A 38 -16.45 1.15 -8.63
C VAL A 38 -15.99 1.77 -7.31
N GLY A 39 -15.73 0.92 -6.31
CA GLY A 39 -15.31 1.37 -5.00
C GLY A 39 -13.89 0.96 -4.62
N ARG A 40 -13.71 -0.16 -3.96
CA ARG A 40 -12.37 -0.63 -3.75
C ARG A 40 -11.85 -1.32 -5.01
N ILE A 41 -10.56 -1.18 -5.25
CA ILE A 41 -9.82 -1.93 -6.26
C ILE A 41 -8.52 -2.38 -5.62
N LYS A 42 -8.25 -3.69 -5.63
CA LYS A 42 -7.07 -4.27 -4.97
C LYS A 42 -6.20 -5.01 -6.00
N LEU A 43 -4.98 -4.53 -6.24
CA LEU A 43 -4.07 -5.28 -7.10
C LEU A 43 -3.05 -6.09 -6.29
N THR A 44 -2.61 -7.20 -6.87
CA THR A 44 -1.47 -7.94 -6.36
C THR A 44 -0.45 -8.10 -7.49
N ALA A 45 0.83 -8.16 -7.10
CA ALA A 45 1.91 -8.37 -8.05
C ALA A 45 3.06 -9.06 -7.33
N GLY A 46 3.95 -9.67 -8.12
CA GLY A 46 5.05 -10.49 -7.65
C GLY A 46 6.38 -9.79 -7.73
N GLU A 47 7.46 -10.56 -7.88
CA GLU A 47 8.80 -10.02 -7.68
C GLU A 47 9.05 -8.79 -8.52
N LYS A 48 8.72 -8.84 -9.81
CA LYS A 48 8.99 -7.70 -10.68
C LYS A 48 7.69 -7.01 -11.07
N VAL A 49 7.80 -5.70 -11.24
CA VAL A 49 6.69 -4.78 -11.48
C VAL A 49 7.16 -3.75 -12.49
N ASP A 50 7.03 -4.09 -13.78
CA ASP A 50 7.54 -3.28 -14.88
C ASP A 50 6.46 -2.87 -15.89
N SER A 51 5.29 -3.50 -15.88
CA SER A 51 4.21 -3.09 -16.79
C SER A 51 2.90 -3.64 -16.25
N GLU A 52 1.84 -3.47 -17.03
CA GLU A 52 0.57 -4.09 -16.71
C GLU A 52 0.69 -5.62 -16.73
N GLU A 53 1.52 -6.14 -17.64
CA GLU A 53 1.75 -7.58 -17.74
C GLU A 53 1.99 -8.20 -16.37
N ASP A 54 2.69 -7.50 -15.49
CA ASP A 54 3.11 -8.08 -14.20
C ASP A 54 2.02 -8.11 -13.15
N ILE A 55 0.83 -7.60 -13.42
CA ILE A 55 -0.25 -7.66 -12.44
C ILE A 55 -0.76 -9.09 -12.41
N LYS A 56 -0.76 -9.68 -11.21
CA LYS A 56 -1.27 -11.04 -11.05
C LYS A 56 -2.78 -11.10 -10.82
N THR A 57 -3.37 -10.15 -10.08
CA THR A 57 -4.80 -10.20 -9.80
C THR A 57 -5.33 -8.80 -9.57
N ILE A 58 -6.67 -8.69 -9.65
CA ILE A 58 -7.43 -7.46 -9.56
C ILE A 58 -8.79 -7.75 -8.94
N SER A 59 -9.00 -7.27 -7.73
CA SER A 59 -10.30 -7.38 -7.08
C SER A 59 -11.07 -6.06 -7.20
N VAL A 60 -12.36 -6.16 -7.54
CA VAL A 60 -13.21 -4.98 -7.70
C VAL A 60 -14.48 -5.10 -6.86
N TYR A 61 -14.77 -4.07 -6.09
CA TYR A 61 -15.91 -4.04 -5.20
C TYR A 61 -16.87 -2.99 -5.74
N MET A 62 -18.05 -3.42 -6.16
CA MET A 62 -19.00 -2.59 -6.91
C MET A 62 -20.06 -2.06 -5.96
N ALA A 63 -20.38 -0.84 -6.10
CA ALA A 63 -21.16 -0.10 -5.11
C ALA A 63 -22.62 0.00 -5.51
N PRO A 64 -23.52 0.15 -4.53
CA PRO A 64 -24.96 0.24 -4.87
C PRO A 64 -25.32 1.47 -5.70
N SER A 65 -24.80 2.64 -5.33
CA SER A 65 -25.09 3.92 -5.99
C SER A 65 -26.57 4.29 -5.94
N SER A 66 -27.28 3.86 -4.89
CA SER A 66 -28.66 4.28 -4.61
C SER A 66 -28.91 4.26 -3.10
N VAL A 73 -34.99 -4.51 7.25
CA VAL A 73 -34.41 -5.85 7.18
C VAL A 73 -35.51 -6.89 7.24
N ALA A 74 -35.32 -7.99 6.51
CA ALA A 74 -36.25 -9.10 6.51
C ALA A 74 -35.44 -10.34 6.82
N PRO A 75 -35.37 -10.80 8.07
CA PRO A 75 -34.77 -12.12 8.28
C PRO A 75 -35.48 -13.16 7.45
N VAL A 76 -36.81 -13.17 7.49
CA VAL A 76 -37.59 -14.27 6.94
C VAL A 76 -38.03 -13.91 5.54
N HIS A 77 -37.39 -14.54 4.57
CA HIS A 77 -37.83 -14.52 3.20
C HIS A 77 -38.43 -15.87 2.88
N ILE A 78 -39.47 -15.89 2.03
CA ILE A 78 -40.09 -17.11 1.57
C ILE A 78 -40.28 -17.03 0.06
N ASP A 79 -39.82 -18.06 -0.65
CA ASP A 79 -39.76 -18.04 -2.10
C ASP A 79 -40.24 -19.35 -2.69
N THR A 80 -40.83 -19.27 -3.88
CA THR A 80 -41.00 -20.48 -4.66
C THR A 80 -39.62 -21.01 -4.99
N ASP A 81 -39.54 -22.28 -5.35
CA ASP A 81 -38.22 -22.76 -5.73
C ASP A 81 -37.76 -21.99 -6.96
N HIS A 82 -38.68 -21.77 -7.89
CA HIS A 82 -38.33 -21.11 -9.14
C HIS A 82 -37.90 -19.67 -8.93
N ALA A 83 -38.59 -18.92 -8.06
CA ALA A 83 -38.17 -17.54 -7.79
C ALA A 83 -36.72 -17.50 -7.34
N TYR A 84 -36.34 -18.49 -6.53
CA TYR A 84 -35.07 -18.48 -5.80
C TYR A 84 -33.90 -18.73 -6.74
N VAL A 85 -33.99 -19.76 -7.56
CA VAL A 85 -32.88 -20.06 -8.46
C VAL A 85 -32.73 -18.97 -9.52
N THR A 86 -33.83 -18.44 -10.05
CA THR A 86 -33.71 -17.41 -11.08
C THR A 86 -33.23 -16.09 -10.51
N LYS A 87 -33.68 -15.72 -9.30
CA LYS A 87 -33.11 -14.57 -8.61
C LYS A 87 -31.58 -14.69 -8.52
N GLU A 88 -31.07 -15.88 -8.21
CA GLU A 88 -29.63 -16.08 -8.15
C GLU A 88 -29.02 -16.03 -9.54
N ALA A 89 -29.67 -16.66 -10.53
CA ALA A 89 -29.14 -16.66 -11.89
C ALA A 89 -28.88 -15.24 -12.37
N ALA A 90 -29.82 -14.35 -12.08
CA ALA A 90 -29.67 -12.98 -12.55
C ALA A 90 -28.49 -12.31 -11.86
N GLU A 91 -28.39 -12.42 -10.54
CA GLU A 91 -27.26 -11.82 -9.82
C GLU A 91 -25.92 -12.43 -10.24
N GLN A 92 -25.87 -13.74 -10.48
CA GLN A 92 -24.65 -14.31 -11.04
C GLN A 92 -24.32 -13.62 -12.35
N LYS A 93 -25.38 -13.38 -13.14
CA LYS A 93 -25.25 -12.91 -14.51
C LYS A 93 -24.91 -11.42 -14.55
N GLU A 94 -25.45 -10.65 -13.61
CA GLU A 94 -24.97 -9.28 -13.41
C GLU A 94 -23.48 -9.27 -13.10
N ALA A 95 -23.06 -10.01 -12.08
CA ALA A 95 -21.65 -10.03 -11.70
C ALA A 95 -20.74 -10.31 -12.90
N LYS A 96 -21.07 -11.35 -13.67
CA LYS A 96 -20.24 -11.71 -14.81
C LYS A 96 -20.24 -10.58 -15.87
N GLN A 97 -21.26 -9.72 -15.88
CA GLN A 97 -21.23 -8.69 -16.92
C GLN A 97 -20.31 -7.54 -16.58
N ILE A 98 -20.32 -7.06 -15.33
CA ILE A 98 -19.27 -6.14 -14.88
C ILE A 98 -17.87 -6.71 -15.13
N GLN A 99 -17.68 -8.01 -14.88
CA GLN A 99 -16.41 -8.64 -15.23
C GLN A 99 -15.97 -8.42 -16.68
N THR A 100 -16.82 -8.86 -17.62
CA THR A 100 -16.54 -8.67 -19.04
C THR A 100 -16.40 -7.19 -19.41
N GLN A 101 -17.27 -6.34 -18.88
CA GLN A 101 -17.16 -4.92 -19.17
C GLN A 101 -15.77 -4.41 -18.82
N LEU A 102 -15.27 -4.75 -17.63
CA LEU A 102 -13.96 -4.25 -17.24
C LEU A 102 -12.86 -4.94 -18.03
N ALA A 103 -13.02 -6.25 -18.28
CA ALA A 103 -12.13 -6.95 -19.19
C ALA A 103 -11.93 -6.17 -20.50
N ASP A 104 -13.03 -5.86 -21.17
CA ASP A 104 -12.96 -5.07 -22.40
C ASP A 104 -12.30 -3.71 -22.14
N ILE A 105 -12.81 -2.96 -21.17
CA ILE A 105 -12.31 -1.61 -20.93
C ILE A 105 -10.79 -1.60 -20.75
N TRP A 106 -10.28 -2.50 -19.90
CA TRP A 106 -8.89 -2.49 -19.52
C TRP A 106 -8.01 -3.24 -20.49
N GLU A 107 -8.60 -3.95 -21.44
CA GLU A 107 -7.88 -4.84 -22.34
C GLU A 107 -6.96 -5.76 -21.55
N ILE A 108 -7.62 -6.57 -20.70
CA ILE A 108 -6.98 -7.52 -19.81
C ILE A 108 -7.90 -8.73 -19.66
N GLY A 109 -7.34 -9.91 -19.70
CA GLY A 109 -8.15 -11.12 -19.66
C GLY A 109 -8.91 -11.23 -18.36
N SER A 110 -10.17 -11.64 -18.48
CA SER A 110 -11.02 -11.74 -17.30
C SER A 110 -10.53 -12.80 -16.30
N GLU A 111 -9.53 -13.63 -16.63
CA GLU A 111 -9.10 -14.59 -15.62
C GLU A 111 -8.50 -13.87 -14.40
N LYS A 112 -7.94 -12.69 -14.60
CA LYS A 112 -7.28 -11.92 -13.56
C LYS A 112 -8.22 -11.06 -12.74
N ILE A 113 -9.52 -11.10 -12.98
CA ILE A 113 -10.43 -10.13 -12.38
C ILE A 113 -11.43 -10.85 -11.52
N THR A 114 -11.48 -10.49 -10.25
CA THR A 114 -12.56 -10.91 -9.37
C THR A 114 -13.47 -9.72 -9.19
N VAL A 115 -14.78 -9.94 -9.27
CA VAL A 115 -15.76 -8.88 -9.07
C VAL A 115 -16.53 -9.24 -7.81
N HIS A 116 -16.41 -8.41 -6.77
CA HIS A 116 -17.18 -8.57 -5.54
C HIS A 116 -18.38 -7.63 -5.57
N MET A 117 -19.56 -8.19 -5.37
CA MET A 117 -20.81 -7.49 -5.63
C MET A 117 -21.43 -7.01 -4.32
N GLU A 118 -20.74 -6.09 -3.66
CA GLU A 118 -21.27 -5.64 -2.38
C GLU A 118 -22.41 -4.65 -2.62
N GLY A 119 -23.32 -4.57 -1.66
CA GLY A 119 -24.66 -4.13 -1.99
C GLY A 119 -25.42 -5.23 -2.72
N GLY A 120 -25.03 -6.48 -2.50
CA GLY A 120 -25.62 -7.63 -3.14
C GLY A 120 -25.02 -8.88 -2.55
N GLU A 121 -25.24 -10.03 -3.22
CA GLU A 121 -24.67 -11.32 -2.74
C GLU A 121 -24.22 -12.11 -3.98
N SER A 122 -22.98 -11.84 -4.41
CA SER A 122 -22.37 -12.52 -5.55
C SER A 122 -20.88 -12.19 -5.60
N VAL A 123 -20.17 -12.92 -6.48
CA VAL A 123 -18.75 -12.71 -6.74
C VAL A 123 -18.48 -13.13 -8.16
N GLY A 124 -17.32 -12.70 -8.68
CA GLY A 124 -16.81 -13.17 -9.95
C GLY A 124 -15.85 -14.32 -9.78
N ASN A 125 -15.14 -14.65 -10.86
CA ASN A 125 -14.34 -15.89 -10.91
C ASN A 125 -13.17 -15.81 -9.92
N GLU A 126 -13.18 -16.71 -8.92
CA GLU A 126 -12.16 -16.94 -7.85
C GLU A 126 -11.75 -15.71 -6.99
N GLY B 1 14.72 -10.63 -0.29
CA GLY B 1 14.42 -11.89 -0.95
C GLY B 1 13.30 -11.85 -2.00
N SER B 2 12.59 -12.97 -2.13
CA SER B 2 11.51 -13.08 -3.09
C SER B 2 10.21 -12.57 -2.47
N HIS B 3 9.52 -11.67 -3.19
CA HIS B 3 8.45 -10.92 -2.54
C HIS B 3 7.10 -11.01 -3.26
N MET B 4 6.11 -10.24 -2.75
CA MET B 4 4.69 -10.31 -3.12
C MET B 4 3.96 -9.06 -2.59
N ILE B 5 3.45 -8.19 -3.47
CA ILE B 5 2.86 -6.91 -3.08
C ILE B 5 1.35 -6.93 -3.26
N GLU B 6 0.65 -6.21 -2.37
CA GLU B 6 -0.79 -6.07 -2.44
C GLU B 6 -1.13 -4.64 -2.06
N ILE B 7 -2.03 -4.02 -2.81
CA ILE B 7 -2.36 -2.61 -2.63
C ILE B 7 -3.81 -2.38 -2.97
N GLN B 8 -4.37 -1.36 -2.36
CA GLN B 8 -5.67 -0.81 -2.70
C GLN B 8 -5.42 0.53 -3.36
N ALA B 9 -6.11 0.80 -4.48
CA ALA B 9 -5.92 2.07 -5.18
C ALA B 9 -6.27 3.22 -4.26
N SER B 10 -5.30 4.10 -4.06
CA SER B 10 -5.50 5.27 -3.22
C SER B 10 -4.62 6.38 -3.76
N GLN B 11 -5.25 7.49 -4.13
CA GLN B 11 -4.52 8.74 -4.36
C GLN B 11 -3.56 9.06 -3.21
N ARG B 12 -4.04 8.97 -1.97
CA ARG B 12 -3.16 9.20 -0.83
C ARG B 12 -1.90 8.34 -0.96
N ALA B 13 -2.07 7.03 -1.17
CA ALA B 13 -0.95 6.12 -1.21
C ALA B 13 -0.05 6.39 -2.41
N TYR B 14 -0.61 6.88 -3.52
CA TYR B 14 0.22 7.25 -4.66
C TYR B 14 1.22 8.33 -4.25
N ILE B 15 0.72 9.40 -3.67
CA ILE B 15 1.58 10.53 -3.36
C ILE B 15 2.58 10.09 -2.32
N LEU B 16 2.06 9.39 -1.31
CA LEU B 16 2.86 9.00 -0.16
C LEU B 16 4.07 8.18 -0.60
N GLU B 17 3.84 7.10 -1.34
CA GLU B 17 4.97 6.32 -1.85
C GLU B 17 5.92 7.18 -2.68
N GLU B 18 5.42 8.24 -3.32
CA GLU B 18 6.35 9.12 -4.03
C GLU B 18 7.26 9.82 -3.05
N MET B 19 6.71 10.28 -1.93
CA MET B 19 7.52 10.86 -0.87
C MET B 19 8.39 9.78 -0.22
N ALA B 20 7.77 8.64 0.07
CA ALA B 20 8.49 7.48 0.57
C ALA B 20 9.77 7.23 -0.23
N VAL B 21 9.69 7.24 -1.54
CA VAL B 21 10.86 6.94 -2.35
C VAL B 21 11.85 8.08 -2.33
N GLN B 22 11.37 9.31 -2.36
CA GLN B 22 12.31 10.41 -2.29
C GLN B 22 13.09 10.36 -0.99
N LEU B 23 12.39 10.16 0.13
CA LEU B 23 13.05 10.03 1.43
C LEU B 23 14.08 8.92 1.42
N LYS B 24 13.70 7.71 1.01
CA LYS B 24 14.68 6.64 0.99
C LYS B 24 15.90 7.02 0.16
N LYS B 25 15.68 7.66 -0.98
CA LYS B 25 16.81 8.02 -1.84
C LYS B 25 17.69 9.07 -1.19
N LYS B 26 17.15 9.84 -0.26
CA LYS B 26 17.98 10.86 0.35
C LYS B 26 18.85 10.28 1.47
N ALA B 27 18.26 9.45 2.34
CA ALA B 27 19.01 8.85 3.44
C ALA B 27 20.09 7.91 2.93
N GLU B 28 19.72 6.94 2.07
CA GLU B 28 20.73 6.08 1.45
C GLU B 28 21.93 6.88 0.95
N GLU B 29 21.71 8.05 0.36
CA GLU B 29 22.86 8.83 -0.08
C GLU B 29 23.76 9.23 1.08
N ARG B 30 23.20 9.60 2.23
CA ARG B 30 24.04 10.02 3.33
C ARG B 30 24.74 8.83 4.00
N PHE B 31 24.22 7.62 3.82
CA PHE B 31 24.75 6.45 4.51
C PHE B 31 25.37 5.48 3.54
N SER B 32 25.83 5.98 2.42
CA SER B 32 26.30 5.07 1.40
C SER B 32 27.40 4.19 1.98
N HIS B 33 28.29 4.81 2.74
CA HIS B 33 29.48 4.13 3.21
C HIS B 33 29.50 3.89 4.73
N ASP B 34 28.36 3.80 5.42
CA ASP B 34 28.43 3.39 6.82
C ASP B 34 28.33 1.89 6.98
N GLU B 35 28.61 1.46 8.20
CA GLU B 35 28.23 0.12 8.62
C GLU B 35 26.72 -0.08 8.50
N TYR B 36 25.97 1.01 8.37
CA TYR B 36 24.52 0.96 8.43
C TYR B 36 23.91 1.13 7.06
N LYS B 37 23.12 0.16 6.66
CA LYS B 37 22.17 0.43 5.60
C LYS B 37 20.86 0.84 6.23
N VAL B 38 20.18 1.75 5.57
CA VAL B 38 18.84 2.13 5.96
C VAL B 38 17.87 1.14 5.35
N GLY B 39 17.10 0.46 6.20
CA GLY B 39 16.26 -0.63 5.77
C GLY B 39 14.87 -0.14 5.48
N ARG B 40 13.86 -0.81 6.02
CA ARG B 40 12.48 -0.53 5.66
C ARG B 40 12.00 0.75 6.33
N ILE B 41 11.25 1.58 5.57
CA ILE B 41 10.69 2.86 6.00
C ILE B 41 9.19 2.71 6.05
N LYS B 42 8.56 3.18 7.15
CA LYS B 42 7.09 3.20 7.22
C LYS B 42 6.63 4.62 7.56
N LEU B 43 5.62 5.11 6.80
CA LEU B 43 5.03 6.43 6.95
C LEU B 43 3.53 6.34 7.25
N THR B 44 3.07 7.24 8.11
CA THR B 44 1.65 7.29 8.46
C THR B 44 1.14 8.71 8.25
N ALA B 45 -0.14 8.80 7.81
CA ALA B 45 -0.66 10.03 7.23
C ALA B 45 -2.11 10.26 7.64
N GLY B 46 -2.49 11.53 7.66
CA GLY B 46 -3.79 11.87 8.18
C GLY B 46 -4.90 11.80 7.15
N GLU B 47 -5.74 12.82 7.19
CA GLU B 47 -6.94 12.89 6.38
C GLU B 47 -6.66 13.38 4.96
N LYS B 48 -5.69 14.27 4.78
CA LYS B 48 -5.32 14.77 3.47
C LYS B 48 -3.82 14.63 3.29
N VAL B 49 -3.37 14.56 2.04
CA VAL B 49 -1.97 14.25 1.77
C VAL B 49 -1.47 15.10 0.59
N ASP B 50 -1.27 16.39 0.84
CA ASP B 50 -0.86 17.32 -0.21
C ASP B 50 0.65 17.37 -0.34
N SER B 51 1.32 17.55 0.79
CA SER B 51 2.73 17.83 0.77
C SER B 51 3.37 17.14 1.97
N GLU B 52 4.70 17.18 1.96
CA GLU B 52 5.51 16.37 2.85
C GLU B 52 5.25 16.68 4.34
N GLU B 53 4.77 17.87 4.67
CA GLU B 53 4.48 18.22 6.06
C GLU B 53 3.21 17.58 6.59
N ASP B 54 2.38 17.01 5.71
CA ASP B 54 1.22 16.27 6.18
C ASP B 54 1.61 14.91 6.73
N ILE B 55 2.87 14.50 6.56
CA ILE B 55 3.35 13.27 7.17
C ILE B 55 3.33 13.43 8.68
N LYS B 56 2.77 12.44 9.39
CA LYS B 56 2.68 12.47 10.84
C LYS B 56 3.77 11.69 11.53
N THR B 57 3.96 10.42 11.19
CA THR B 57 4.97 9.61 11.84
C THR B 57 5.79 8.87 10.81
N ILE B 58 7.09 8.72 11.09
CA ILE B 58 8.00 7.92 10.27
C ILE B 58 8.80 7.01 11.18
N SER B 59 8.98 5.77 10.73
CA SER B 59 9.80 4.79 11.42
C SER B 59 10.79 4.23 10.43
N VAL B 60 12.07 4.41 10.72
CA VAL B 60 13.16 3.87 9.92
C VAL B 60 13.83 2.73 10.67
N TYR B 61 14.16 1.65 9.94
CA TYR B 61 14.87 0.51 10.51
C TYR B 61 16.26 0.48 9.88
N MET B 62 17.29 0.68 10.68
CA MET B 62 18.65 0.53 10.19
C MET B 62 19.06 -0.93 10.23
N ALA B 63 19.86 -1.35 9.26
CA ALA B 63 20.24 -2.75 9.13
C ALA B 63 21.75 -2.88 8.95
N PRO B 64 22.34 -4.02 9.34
CA PRO B 64 23.77 -4.23 9.10
C PRO B 64 24.09 -4.27 7.62
N SER B 65 25.18 -3.57 7.25
CA SER B 65 25.64 -3.53 5.87
C SER B 65 25.64 -4.93 5.24
N SER B 66 25.99 -5.95 6.02
CA SER B 66 26.05 -7.33 5.51
C SER B 66 26.38 -8.32 6.65
N VAL B 73 25.97 -9.44 17.06
CA VAL B 73 27.02 -8.42 17.14
C VAL B 73 27.65 -8.32 18.54
N ALA B 74 28.89 -7.80 18.61
CA ALA B 74 29.69 -7.78 19.85
C ALA B 74 28.93 -7.10 20.98
N PRO B 75 28.98 -7.64 22.21
CA PRO B 75 28.14 -7.13 23.28
C PRO B 75 28.67 -5.87 23.95
N VAL B 76 29.92 -5.50 23.66
CA VAL B 76 30.57 -4.38 24.33
C VAL B 76 31.41 -3.66 23.27
N HIS B 77 31.54 -2.34 23.44
CA HIS B 77 32.14 -1.50 22.41
C HIS B 77 32.91 -0.35 23.07
N ILE B 78 33.90 0.18 22.37
CA ILE B 78 34.63 1.37 22.79
C ILE B 78 34.04 2.58 22.06
N ASP B 79 33.38 3.48 22.79
CA ASP B 79 32.86 4.68 22.17
C ASP B 79 34.01 5.63 21.90
N THR B 80 33.68 6.84 21.49
CA THR B 80 34.68 7.79 21.07
C THR B 80 35.43 8.39 22.25
N ASP B 81 34.91 8.22 23.46
CA ASP B 81 35.56 8.66 24.70
C ASP B 81 36.54 7.62 25.25
N HIS B 82 36.90 6.61 24.45
CA HIS B 82 37.86 5.58 24.83
C HIS B 82 37.40 4.77 26.05
N ALA B 83 36.10 4.54 26.16
CA ALA B 83 35.56 3.79 27.28
C ALA B 83 34.73 2.63 26.76
N TYR B 84 34.80 1.48 27.43
CA TYR B 84 33.86 0.41 27.10
C TYR B 84 32.44 0.91 27.33
N VAL B 85 31.49 0.23 26.70
CA VAL B 85 30.10 0.65 26.85
C VAL B 85 29.23 -0.41 26.23
N THR B 86 28.04 -0.60 26.79
CA THR B 86 27.17 -1.66 26.30
C THR B 86 26.67 -1.32 24.91
N LYS B 87 26.43 -2.37 24.13
CA LYS B 87 25.98 -2.18 22.75
C LYS B 87 24.62 -1.49 22.72
N GLU B 88 23.80 -1.75 23.73
CA GLU B 88 22.55 -1.01 23.88
C GLU B 88 22.84 0.48 23.99
N ALA B 89 23.73 0.86 24.89
CA ALA B 89 23.96 2.28 25.14
C ALA B 89 24.55 2.95 23.92
N ALA B 90 25.41 2.24 23.19
CA ALA B 90 25.89 2.78 21.93
C ALA B 90 24.77 2.97 20.94
N GLU B 91 23.70 2.18 21.06
CA GLU B 91 22.61 2.19 20.10
C GLU B 91 21.65 3.32 20.37
N GLN B 92 21.23 3.50 21.62
CA GLN B 92 20.36 4.65 21.87
C GLN B 92 21.07 5.94 21.49
N LYS B 93 22.37 6.01 21.75
CA LYS B 93 23.11 7.20 21.34
C LYS B 93 23.03 7.39 19.83
N GLU B 94 23.22 6.31 19.08
CA GLU B 94 23.23 6.40 17.62
C GLU B 94 21.84 6.71 17.08
N ALA B 95 20.83 6.05 17.62
CA ALA B 95 19.47 6.29 17.15
C ALA B 95 19.19 7.77 17.20
N LYS B 96 19.51 8.42 18.32
CA LYS B 96 19.18 9.84 18.43
C LYS B 96 20.08 10.70 17.55
N GLN B 97 21.33 10.30 17.36
CA GLN B 97 22.23 11.03 16.46
C GLN B 97 21.76 10.91 15.01
N ILE B 98 21.36 9.71 14.61
CA ILE B 98 20.77 9.50 13.29
C ILE B 98 19.42 10.20 13.19
N GLN B 99 18.55 9.99 14.16
CA GLN B 99 17.25 10.65 14.08
C GLN B 99 17.39 12.15 13.91
N THR B 100 18.42 12.73 14.52
CA THR B 100 18.67 14.16 14.38
C THR B 100 19.11 14.50 12.97
N GLN B 101 19.88 13.64 12.31
CA GLN B 101 20.31 14.09 10.99
C GLN B 101 19.23 13.86 9.94
N LEU B 102 18.38 12.85 10.11
CA LEU B 102 17.29 12.64 9.15
C LEU B 102 16.33 13.82 9.17
N ALA B 103 16.07 14.39 10.35
CA ALA B 103 15.34 15.65 10.44
C ALA B 103 15.99 16.72 9.59
N ASP B 104 17.31 16.87 9.68
CA ASP B 104 18.01 17.86 8.87
C ASP B 104 18.02 17.47 7.38
N ILE B 105 18.14 16.18 7.06
CA ILE B 105 18.25 15.75 5.66
C ILE B 105 16.89 15.80 4.94
N TRP B 106 15.81 15.53 5.66
CA TRP B 106 14.49 15.47 5.03
C TRP B 106 13.70 16.76 5.21
N GLU B 107 14.09 17.58 6.18
CA GLU B 107 13.36 18.79 6.53
C GLU B 107 12.00 18.35 7.07
N ILE B 108 12.03 17.53 8.12
CA ILE B 108 10.85 17.07 8.85
C ILE B 108 11.07 17.28 10.34
N GLY B 109 9.97 17.57 11.06
CA GLY B 109 10.00 17.54 12.51
C GLY B 109 10.77 16.36 13.08
N SER B 110 11.91 16.65 13.71
CA SER B 110 12.71 15.59 14.31
C SER B 110 11.90 14.70 15.23
N GLU B 111 10.75 15.15 15.73
CA GLU B 111 9.96 14.32 16.64
C GLU B 111 9.01 13.35 15.93
N LYS B 112 8.73 13.54 14.64
CA LYS B 112 7.90 12.58 13.94
C LYS B 112 8.66 11.30 13.63
N ILE B 113 9.96 11.35 13.69
CA ILE B 113 10.83 10.27 13.23
C ILE B 113 11.19 9.41 14.42
N THR B 114 11.14 8.09 14.25
CA THR B 114 11.74 7.16 15.19
C THR B 114 12.60 6.18 14.39
N VAL B 115 13.90 6.10 14.71
CA VAL B 115 14.78 5.11 14.09
C VAL B 115 14.98 3.91 15.03
N HIS B 116 15.05 2.72 14.43
CA HIS B 116 14.99 1.43 15.12
C HIS B 116 16.26 0.63 14.75
N MET B 117 17.39 0.83 15.44
CA MET B 117 18.43 -0.18 15.30
C MET B 117 17.90 -1.50 15.79
N GLU B 118 17.17 -1.43 16.90
CA GLU B 118 16.42 -2.51 17.48
C GLU B 118 15.17 -1.92 18.09
N GLY B 119 14.27 -2.80 18.49
CA GLY B 119 12.94 -2.44 18.89
C GLY B 119 11.93 -3.33 18.22
N GLY B 120 10.66 -3.01 18.47
CA GLY B 120 9.57 -3.79 17.90
C GLY B 120 8.73 -2.91 17.00
#